data_2Z02
#
_entry.id   2Z02
#
_cell.length_a   82.099
_cell.length_b   82.099
_cell.length_c   85.152
_cell.angle_alpha   90.00
_cell.angle_beta   90.00
_cell.angle_gamma   90.00
#
_symmetry.space_group_name_H-M   'P 21 21 21'
#
loop_
_entity.id
_entity.type
_entity.pdbx_description
1 polymer 'Phosphoribosylaminoimidazole-succinocarboxamide synthase'
2 non-polymer 'SULFATE ION'
3 non-polymer "ADENOSINE-5'-TRIPHOSPHATE"
4 non-polymer 'CITRIC ACID'
5 water water
#
_entity_poly.entity_id   1
_entity_poly.type   'polypeptide(L)'
_entity_poly.pdbx_seq_one_letter_code
;MEIKLEEILKKQPLYSGKAKSIYEIDDDKVLIEFRDDITAGNGAKHDVKQGKGYLNALISSKLFEALEENGVKTHYIKYI
EPRYMIAKKVEIIPIEVIVRNIAAGSLCRRYPFEEGKELPFPIVQFDYKNDEYGDPMLNEDIAVALGLATREELNKIKEI
ALKVNEVLKKLFDEKGIILVDFKIEIGKDREGNLLVADEISPDTMRLWDKETRDVLDKDVFRKDLGDVIAKYRIVAERLG
LL
;
_entity_poly.pdbx_strand_id   A,B
#
# COMPACT_ATOMS: atom_id res chain seq x y z
N MET A 1 28.48 -4.75 -38.06
CA MET A 1 27.24 -4.94 -38.87
C MET A 1 26.35 -6.04 -38.28
N GLU A 2 25.32 -5.69 -37.75
CA GLU A 2 24.31 -6.57 -37.17
C GLU A 2 22.88 -6.06 -37.38
N ILE A 3 22.58 -4.79 -37.07
CA ILE A 3 21.25 -4.22 -37.19
C ILE A 3 21.34 -2.96 -38.04
N LYS A 4 20.28 -2.67 -38.80
CA LYS A 4 20.27 -1.50 -39.67
C LYS A 4 19.65 -0.29 -38.99
N LEU A 5 20.35 0.19 -37.96
CA LEU A 5 19.92 1.33 -37.15
C LEU A 5 19.18 2.43 -37.90
N GLU A 6 19.92 3.12 -38.77
CA GLU A 6 19.38 4.22 -39.55
C GLU A 6 18.07 3.90 -40.28
N GLU A 7 17.92 2.65 -40.70
CA GLU A 7 16.71 2.25 -41.42
C GLU A 7 15.56 1.97 -40.45
N ILE A 8 15.89 1.43 -39.29
CA ILE A 8 14.89 1.13 -38.28
C ILE A 8 14.27 2.39 -37.68
N LEU A 9 15.10 3.43 -37.52
CA LEU A 9 14.63 4.69 -36.95
C LEU A 9 13.63 5.40 -37.86
N LYS A 10 13.66 5.08 -39.15
CA LYS A 10 12.74 5.69 -40.11
C LYS A 10 11.33 5.13 -39.95
N LYS A 11 11.20 4.07 -39.16
CA LYS A 11 9.91 3.44 -38.92
C LYS A 11 9.13 4.13 -37.81
N GLN A 12 7.85 3.78 -37.68
CA GLN A 12 7.02 4.35 -36.63
C GLN A 12 7.16 3.50 -35.38
N PRO A 13 7.53 4.14 -34.26
CA PRO A 13 7.71 3.43 -32.99
C PRO A 13 6.51 2.58 -32.62
N LEU A 14 6.76 1.38 -32.12
CA LEU A 14 5.67 0.50 -31.69
C LEU A 14 5.00 1.23 -30.54
N TYR A 15 5.81 1.98 -29.80
CA TYR A 15 5.34 2.75 -28.66
C TYR A 15 6.28 3.91 -28.41
N SER A 16 5.72 5.04 -28.02
CA SER A 16 6.51 6.23 -27.74
C SER A 16 6.02 6.85 -26.45
N GLY A 17 6.85 6.76 -25.40
CA GLY A 17 6.46 7.31 -24.11
C GLY A 17 6.97 8.71 -23.84
N LYS A 18 7.05 9.08 -22.58
CA LYS A 18 7.52 10.40 -22.19
C LYS A 18 9.04 10.57 -22.28
N ALA A 19 9.78 9.47 -22.37
CA ALA A 19 11.24 9.56 -22.42
C ALA A 19 11.92 8.72 -23.49
N LYS A 20 11.29 7.61 -23.86
CA LYS A 20 11.89 6.73 -24.84
C LYS A 20 10.91 6.23 -25.91
N SER A 21 11.46 5.86 -27.05
CA SER A 21 10.69 5.34 -28.17
C SER A 21 11.10 3.90 -28.44
N ILE A 22 10.11 3.02 -28.57
CA ILE A 22 10.38 1.61 -28.82
C ILE A 22 10.13 1.29 -30.29
N TYR A 23 11.17 0.85 -30.99
CA TYR A 23 11.07 0.50 -32.41
C TYR A 23 11.22 -1.00 -32.54
N GLU A 24 10.51 -1.59 -33.50
CA GLU A 24 10.60 -3.03 -33.71
C GLU A 24 11.78 -3.40 -34.61
N ILE A 25 12.47 -4.47 -34.23
CA ILE A 25 13.59 -4.97 -35.01
C ILE A 25 13.07 -6.24 -35.68
N ASP A 26 12.64 -7.19 -34.84
CA ASP A 26 12.08 -8.44 -35.35
C ASP A 26 11.06 -8.97 -34.34
N ASP A 27 10.77 -10.26 -34.42
CA ASP A 27 9.80 -10.89 -33.52
C ASP A 27 10.14 -10.86 -32.03
N ASP A 28 11.42 -10.99 -31.70
CA ASP A 28 11.81 -11.01 -30.31
C ASP A 28 12.79 -9.93 -29.83
N LYS A 29 12.99 -8.90 -30.64
CA LYS A 29 13.93 -7.83 -30.25
C LYS A 29 13.43 -6.46 -30.63
N VAL A 30 13.77 -5.47 -29.80
CA VAL A 30 13.37 -4.10 -30.07
C VAL A 30 14.55 -3.14 -29.98
N LEU A 31 14.37 -1.98 -30.60
CA LEU A 31 15.37 -0.95 -30.55
C LEU A 31 14.79 0.07 -29.59
N ILE A 32 15.55 0.43 -28.56
CA ILE A 32 15.08 1.40 -27.59
C ILE A 32 15.85 2.69 -27.75
N GLU A 33 15.12 3.76 -28.02
CA GLU A 33 15.73 5.07 -28.21
C GLU A 33 15.52 5.96 -26.98
N PHE A 34 16.60 6.33 -26.33
CA PHE A 34 16.53 7.22 -25.18
C PHE A 34 16.51 8.64 -25.75
N ARG A 35 15.37 9.32 -25.64
CA ARG A 35 15.27 10.68 -26.17
C ARG A 35 15.83 11.68 -25.15
N ASP A 36 15.89 12.95 -25.55
CA ASP A 36 16.40 14.00 -24.67
C ASP A 36 15.31 14.64 -23.83
N ASP A 37 14.11 14.08 -23.92
CA ASP A 37 12.98 14.55 -23.13
C ASP A 37 13.20 14.19 -21.68
N ILE A 38 12.82 15.08 -20.77
CA ILE A 38 12.95 14.82 -19.35
C ILE A 38 11.66 15.34 -18.71
N THR A 39 11.03 14.51 -17.90
CA THR A 39 9.78 14.87 -17.27
C THR A 39 9.80 14.70 -15.75
N ALA A 40 8.80 15.29 -15.10
CA ALA A 40 8.65 15.22 -13.66
C ALA A 40 7.19 15.50 -13.31
N GLY A 41 6.78 15.06 -12.12
CA GLY A 41 5.40 15.27 -11.69
C GLY A 41 4.38 14.65 -12.63
N ASN A 42 4.75 13.52 -13.25
CA ASN A 42 3.87 12.79 -14.16
C ASN A 42 3.51 13.64 -15.38
N GLY A 43 4.52 14.16 -16.08
CA GLY A 43 4.27 14.95 -17.27
C GLY A 43 4.09 16.43 -17.04
N ALA A 44 3.61 16.79 -15.85
CA ALA A 44 3.38 18.19 -15.49
C ALA A 44 4.58 19.10 -15.76
N LYS A 45 5.79 18.58 -15.62
CA LYS A 45 7.00 19.36 -15.86
C LYS A 45 7.82 18.69 -16.96
N HIS A 46 8.18 19.45 -17.99
CA HIS A 46 8.95 18.88 -19.10
C HIS A 46 9.94 19.85 -19.74
N ASP A 47 10.93 19.27 -20.40
CA ASP A 47 11.96 20.02 -21.10
C ASP A 47 12.75 19.05 -21.97
N VAL A 48 13.60 19.57 -22.85
CA VAL A 48 14.43 18.75 -23.70
C VAL A 48 15.84 19.21 -23.39
N LYS A 49 16.69 18.29 -22.92
CA LYS A 49 18.05 18.63 -22.56
C LYS A 49 19.10 17.83 -23.31
N GLN A 50 19.94 18.55 -24.07
CA GLN A 50 20.98 17.92 -24.85
C GLN A 50 21.88 16.98 -24.05
N GLY A 51 22.07 15.77 -24.56
CA GLY A 51 22.91 14.80 -23.89
C GLY A 51 22.23 13.95 -22.84
N LYS A 52 20.94 14.18 -22.59
CA LYS A 52 20.26 13.37 -21.57
C LYS A 52 20.10 11.92 -21.98
N GLY A 53 19.63 11.69 -23.20
CA GLY A 53 19.43 10.34 -23.69
C GLY A 53 20.76 9.61 -23.83
N TYR A 54 21.78 10.33 -24.27
CA TYR A 54 23.10 9.76 -24.42
C TYR A 54 23.59 9.27 -23.07
N LEU A 55 23.56 10.13 -22.07
CA LEU A 55 24.03 9.74 -20.74
C LEU A 55 23.20 8.60 -20.12
N ASN A 56 21.88 8.67 -20.24
CA ASN A 56 21.03 7.63 -19.66
C ASN A 56 21.16 6.26 -20.35
N ALA A 57 21.32 6.26 -21.66
CA ALA A 57 21.48 5.00 -22.39
C ALA A 57 22.83 4.41 -22.03
N LEU A 58 23.83 5.27 -21.89
CA LEU A 58 25.19 4.85 -21.56
C LEU A 58 25.23 4.22 -20.18
N ILE A 59 24.71 4.93 -19.18
CA ILE A 59 24.70 4.43 -17.83
C ILE A 59 23.85 3.16 -17.71
N SER A 60 22.69 3.16 -18.36
CA SER A 60 21.79 2.02 -18.30
C SER A 60 22.41 0.74 -18.88
N SER A 61 23.16 0.88 -19.97
CA SER A 61 23.81 -0.27 -20.59
C SER A 61 24.83 -0.86 -19.63
N LYS A 62 25.57 0.02 -18.96
CA LYS A 62 26.58 -0.39 -18.01
C LYS A 62 25.99 -1.12 -16.80
N LEU A 63 24.89 -0.62 -16.27
CA LEU A 63 24.28 -1.25 -15.10
C LEU A 63 23.68 -2.59 -15.48
N PHE A 64 23.08 -2.67 -16.67
CA PHE A 64 22.51 -3.94 -17.11
C PHE A 64 23.64 -4.96 -17.24
N GLU A 65 24.75 -4.56 -17.86
CA GLU A 65 25.90 -5.44 -18.03
C GLU A 65 26.39 -5.89 -16.66
N ALA A 66 26.36 -4.99 -15.68
CA ALA A 66 26.79 -5.33 -14.32
C ALA A 66 25.83 -6.37 -13.74
N LEU A 67 24.54 -6.19 -13.98
CA LEU A 67 23.54 -7.12 -13.48
C LEU A 67 23.71 -8.49 -14.13
N GLU A 68 23.84 -8.52 -15.45
CA GLU A 68 24.02 -9.78 -16.16
C GLU A 68 25.24 -10.53 -15.61
N GLU A 69 26.30 -9.80 -15.31
CA GLU A 69 27.51 -10.41 -14.78
C GLU A 69 27.27 -11.04 -13.41
N ASN A 70 26.21 -10.60 -12.74
CA ASN A 70 25.85 -11.13 -11.43
C ASN A 70 24.69 -12.12 -11.47
N GLY A 71 24.35 -12.59 -12.68
CA GLY A 71 23.27 -13.55 -12.79
C GLY A 71 21.87 -12.99 -12.89
N VAL A 72 21.72 -11.67 -12.83
CA VAL A 72 20.39 -11.07 -12.93
C VAL A 72 20.03 -11.01 -14.42
N LYS A 73 18.96 -11.72 -14.79
CA LYS A 73 18.52 -11.75 -16.18
C LYS A 73 17.79 -10.47 -16.58
N THR A 74 18.27 -9.83 -17.65
CA THR A 74 17.69 -8.57 -18.13
C THR A 74 17.36 -8.64 -19.62
N HIS A 75 16.71 -7.60 -20.12
CA HIS A 75 16.35 -7.53 -21.53
C HIS A 75 17.47 -6.94 -22.39
N TYR A 76 18.59 -6.60 -21.76
CA TYR A 76 19.72 -5.99 -22.46
C TYR A 76 20.49 -6.89 -23.42
N ILE A 77 20.69 -6.41 -24.64
CA ILE A 77 21.45 -7.14 -25.65
C ILE A 77 22.73 -6.37 -25.98
N LYS A 78 22.61 -5.10 -26.35
CA LYS A 78 23.79 -4.29 -26.63
C LYS A 78 23.50 -2.80 -26.74
N TYR A 79 24.54 -2.01 -26.56
CA TYR A 79 24.44 -0.57 -26.63
C TYR A 79 25.00 -0.04 -27.95
N ILE A 80 24.28 0.93 -28.52
CA ILE A 80 24.70 1.55 -29.78
C ILE A 80 24.70 3.06 -29.56
N GLU A 81 25.89 3.64 -29.51
CA GLU A 81 26.00 5.07 -29.27
C GLU A 81 25.30 5.91 -30.33
N PRO A 82 24.83 7.10 -29.94
CA PRO A 82 24.96 7.60 -28.57
C PRO A 82 23.83 7.27 -27.59
N ARG A 83 22.61 7.09 -28.10
CA ARG A 83 21.47 6.86 -27.21
C ARG A 83 20.53 5.70 -27.53
N TYR A 84 21.05 4.63 -28.09
CA TYR A 84 20.21 3.50 -28.46
C TYR A 84 20.57 2.25 -27.69
N MET A 85 19.61 1.33 -27.59
CA MET A 85 19.82 0.07 -26.89
C MET A 85 19.04 -1.04 -27.59
N ILE A 86 19.71 -2.15 -27.86
CA ILE A 86 19.04 -3.30 -28.47
C ILE A 86 18.61 -4.14 -27.29
N ALA A 87 17.34 -4.52 -27.25
CA ALA A 87 16.85 -5.33 -26.13
C ALA A 87 15.88 -6.42 -26.55
N LYS A 88 15.75 -7.40 -25.68
CA LYS A 88 14.82 -8.50 -25.92
C LYS A 88 13.44 -7.88 -25.72
N LYS A 89 12.52 -8.18 -26.61
CA LYS A 89 11.16 -7.66 -26.49
C LYS A 89 10.43 -8.41 -25.38
N VAL A 90 9.83 -7.67 -24.45
CA VAL A 90 9.08 -8.31 -23.36
C VAL A 90 7.71 -7.69 -23.25
N GLU A 91 6.85 -8.37 -22.50
CA GLU A 91 5.50 -7.88 -22.24
C GLU A 91 5.66 -7.32 -20.83
N ILE A 92 5.59 -5.99 -20.71
CA ILE A 92 5.76 -5.33 -19.42
C ILE A 92 4.62 -5.56 -18.43
N ILE A 93 4.98 -5.91 -17.20
CA ILE A 93 4.02 -6.11 -16.12
C ILE A 93 3.76 -4.70 -15.60
N PRO A 94 2.48 -4.27 -15.55
CA PRO A 94 2.13 -2.93 -15.08
C PRO A 94 2.39 -2.62 -13.60
N ILE A 95 3.63 -2.85 -13.16
CA ILE A 95 3.99 -2.61 -11.77
C ILE A 95 5.34 -1.90 -11.67
N GLU A 96 5.36 -0.82 -10.92
CA GLU A 96 6.58 -0.05 -10.70
C GLU A 96 7.22 -0.69 -9.46
N VAL A 97 8.41 -1.30 -9.63
CA VAL A 97 9.05 -1.94 -8.49
C VAL A 97 10.07 -0.99 -7.87
N ILE A 98 9.78 -0.54 -6.65
CA ILE A 98 10.65 0.40 -5.96
C ILE A 98 11.39 -0.18 -4.77
N VAL A 99 12.70 0.03 -4.72
CA VAL A 99 13.51 -0.45 -3.60
C VAL A 99 14.13 0.77 -2.94
N ARG A 100 14.04 0.83 -1.61
CA ARG A 100 14.58 1.98 -0.89
C ARG A 100 15.59 1.61 0.20
N ASN A 101 16.76 2.25 0.13
CA ASN A 101 17.81 2.03 1.10
C ASN A 101 17.80 3.19 2.10
N ILE A 102 17.46 4.38 1.60
CA ILE A 102 17.36 5.58 2.43
C ILE A 102 15.99 6.21 2.23
N ALA A 103 15.39 6.72 3.30
CA ALA A 103 14.07 7.34 3.22
C ALA A 103 14.12 8.60 2.37
N ALA A 104 13.25 8.68 1.36
CA ALA A 104 13.21 9.85 0.48
C ALA A 104 11.95 9.81 -0.37
N GLY A 105 11.76 10.85 -1.16
CA GLY A 105 10.61 10.93 -2.04
C GLY A 105 9.27 10.81 -1.32
N SER A 106 8.38 9.99 -1.90
CA SER A 106 7.06 9.79 -1.35
C SER A 106 7.05 9.08 0.01
N LEU A 107 8.07 8.27 0.30
CA LEU A 107 8.09 7.58 1.59
C LEU A 107 8.03 8.59 2.73
N CYS A 108 8.84 9.63 2.64
CA CYS A 108 8.87 10.67 3.67
C CYS A 108 7.62 11.55 3.65
N ARG A 109 7.01 11.71 2.48
CA ARG A 109 5.80 12.50 2.37
C ARG A 109 4.58 11.75 2.92
N ARG A 110 4.54 10.45 2.70
CA ARG A 110 3.42 9.64 3.14
C ARG A 110 3.51 9.03 4.54
N TYR A 111 4.73 8.88 5.05
CA TYR A 111 4.91 8.29 6.38
C TYR A 111 5.92 9.09 7.20
N PRO A 112 5.88 8.92 8.53
CA PRO A 112 6.82 9.64 9.39
C PRO A 112 8.26 9.11 9.36
N PHE A 113 8.88 9.18 8.17
CA PHE A 113 10.26 8.76 7.99
C PHE A 113 11.08 10.05 7.84
N GLU A 114 12.22 10.12 8.50
CA GLU A 114 13.09 11.28 8.39
C GLU A 114 13.85 11.17 7.08
N GLU A 115 13.80 12.22 6.27
CA GLU A 115 14.48 12.20 4.99
C GLU A 115 15.99 12.05 5.14
N GLY A 116 16.58 11.18 4.34
CA GLY A 116 18.01 10.95 4.40
C GLY A 116 18.42 9.92 5.43
N LYS A 117 17.46 9.45 6.22
CA LYS A 117 17.74 8.45 7.25
C LYS A 117 17.87 7.06 6.63
N GLU A 118 18.88 6.32 7.07
CA GLU A 118 19.11 4.97 6.58
C GLU A 118 18.01 4.05 7.09
N LEU A 119 17.41 3.28 6.20
CA LEU A 119 16.35 2.36 6.57
C LEU A 119 16.95 1.08 7.16
N PRO A 120 16.25 0.44 8.11
CA PRO A 120 16.72 -0.79 8.75
C PRO A 120 17.05 -1.90 7.76
N PHE A 121 16.32 -1.91 6.64
CA PHE A 121 16.51 -2.89 5.59
C PHE A 121 15.95 -2.30 4.30
N PRO A 122 16.31 -2.87 3.14
CA PRO A 122 15.79 -2.32 1.88
C PRO A 122 14.28 -2.48 1.79
N ILE A 123 13.53 -1.37 1.76
CA ILE A 123 12.09 -1.48 1.64
C ILE A 123 11.73 -1.69 0.18
N VAL A 124 10.84 -2.65 -0.07
CA VAL A 124 10.38 -2.93 -1.44
C VAL A 124 8.94 -2.46 -1.55
N GLN A 125 8.68 -1.62 -2.55
CA GLN A 125 7.34 -1.07 -2.76
C GLN A 125 6.84 -1.31 -4.18
N PHE A 126 5.64 -1.87 -4.31
CA PHE A 126 5.05 -2.10 -5.63
C PHE A 126 3.97 -1.05 -5.90
N ASP A 127 4.08 -0.36 -7.01
CA ASP A 127 3.09 0.64 -7.39
C ASP A 127 2.39 0.17 -8.67
N TYR A 128 1.08 0.40 -8.74
CA TYR A 128 0.31 0.01 -9.93
C TYR A 128 0.59 1.05 -11.01
N LYS A 129 1.03 0.58 -12.18
CA LYS A 129 1.31 1.51 -13.28
C LYS A 129 0.00 1.75 -14.01
N ASN A 130 -0.65 2.86 -13.70
CA ASN A 130 -1.93 3.20 -14.30
C ASN A 130 -2.21 4.69 -14.10
N ASP A 131 -2.11 5.46 -15.18
CA ASP A 131 -2.35 6.90 -15.09
C ASP A 131 -3.73 7.29 -14.59
N GLU A 132 -4.76 6.64 -15.12
CA GLU A 132 -6.12 6.95 -14.71
C GLU A 132 -6.28 6.92 -13.19
N TYR A 133 -5.53 6.05 -12.52
CA TYR A 133 -5.63 5.93 -11.08
C TYR A 133 -4.49 6.55 -10.28
N GLY A 134 -3.61 7.28 -10.96
CA GLY A 134 -2.51 7.93 -10.27
C GLY A 134 -1.42 7.01 -9.72
N ASP A 135 -1.25 5.84 -10.32
CA ASP A 135 -0.23 4.89 -9.89
C ASP A 135 -0.26 4.65 -8.37
N PRO A 136 -1.39 4.16 -7.85
CA PRO A 136 -1.50 3.89 -6.41
C PRO A 136 -0.59 2.76 -5.93
N MET A 137 -0.16 2.84 -4.68
CA MET A 137 0.68 1.78 -4.11
C MET A 137 -0.18 0.54 -4.00
N LEU A 138 0.47 -0.62 -4.09
CA LEU A 138 -0.22 -1.90 -4.01
C LEU A 138 0.30 -2.70 -2.83
N ASN A 139 -0.42 -3.76 -2.49
CA ASN A 139 0.07 -4.71 -1.49
C ASN A 139 -0.11 -6.00 -2.27
N GLU A 140 0.48 -7.08 -1.81
CA GLU A 140 0.38 -8.32 -2.56
C GLU A 140 -1.03 -8.77 -2.90
N ASP A 141 -1.93 -8.77 -1.92
CA ASP A 141 -3.31 -9.20 -2.17
C ASP A 141 -4.00 -8.45 -3.31
N ILE A 142 -3.81 -7.13 -3.34
CA ILE A 142 -4.46 -6.31 -4.36
C ILE A 142 -3.90 -6.58 -5.75
N ALA A 143 -2.58 -6.69 -5.88
CA ALA A 143 -1.98 -6.97 -7.18
C ALA A 143 -2.53 -8.28 -7.75
N VAL A 144 -2.64 -9.29 -6.89
CA VAL A 144 -3.15 -10.59 -7.34
C VAL A 144 -4.64 -10.53 -7.68
N ALA A 145 -5.43 -9.86 -6.85
CA ALA A 145 -6.87 -9.74 -7.11
C ALA A 145 -7.10 -8.97 -8.41
N LEU A 146 -6.20 -8.03 -8.72
CA LEU A 146 -6.29 -7.23 -9.94
C LEU A 146 -5.80 -8.03 -11.15
N GLY A 147 -5.20 -9.19 -10.88
CA GLY A 147 -4.69 -10.03 -11.94
C GLY A 147 -3.46 -9.48 -12.63
N LEU A 148 -2.67 -8.67 -11.92
CA LEU A 148 -1.47 -8.09 -12.51
C LEU A 148 -0.36 -9.13 -12.64
N ALA A 149 -0.36 -10.11 -11.74
CA ALA A 149 0.64 -11.19 -11.74
C ALA A 149 0.27 -12.15 -10.62
N THR A 150 0.85 -13.36 -10.64
CA THR A 150 0.55 -14.34 -9.61
C THR A 150 1.37 -14.05 -8.35
N ARG A 151 0.94 -14.62 -7.22
CA ARG A 151 1.66 -14.39 -5.97
C ARG A 151 3.11 -14.83 -6.10
N GLU A 152 3.33 -15.99 -6.71
CA GLU A 152 4.69 -16.50 -6.88
C GLU A 152 5.52 -15.53 -7.70
N GLU A 153 4.93 -14.97 -8.75
CA GLU A 153 5.64 -14.02 -9.59
C GLU A 153 5.98 -12.76 -8.81
N LEU A 154 5.01 -12.23 -8.07
CA LEU A 154 5.23 -11.02 -7.28
C LEU A 154 6.39 -11.24 -6.32
N ASN A 155 6.46 -12.43 -5.72
CA ASN A 155 7.54 -12.70 -4.80
C ASN A 155 8.86 -12.89 -5.54
N LYS A 156 8.82 -13.47 -6.73
CA LYS A 156 10.04 -13.65 -7.51
C LYS A 156 10.56 -12.26 -7.90
N ILE A 157 9.63 -11.38 -8.26
CA ILE A 157 9.98 -10.02 -8.64
C ILE A 157 10.62 -9.31 -7.46
N LYS A 158 10.12 -9.53 -6.26
CA LYS A 158 10.72 -8.89 -5.11
C LYS A 158 12.17 -9.38 -4.94
N GLU A 159 12.39 -10.69 -5.10
CA GLU A 159 13.72 -11.26 -4.97
C GLU A 159 14.67 -10.67 -6.01
N ILE A 160 14.16 -10.49 -7.24
CA ILE A 160 14.98 -9.91 -8.29
C ILE A 160 15.33 -8.47 -7.90
N ALA A 161 14.34 -7.74 -7.37
CA ALA A 161 14.54 -6.35 -6.95
C ALA A 161 15.66 -6.27 -5.91
N LEU A 162 15.59 -7.11 -4.89
CA LEU A 162 16.61 -7.09 -3.84
C LEU A 162 17.99 -7.50 -4.36
N LYS A 163 18.03 -8.38 -5.35
CA LYS A 163 19.30 -8.81 -5.92
C LYS A 163 19.89 -7.64 -6.72
N VAL A 164 19.02 -6.96 -7.44
CA VAL A 164 19.42 -5.79 -8.22
C VAL A 164 20.02 -4.76 -7.26
N ASN A 165 19.35 -4.57 -6.13
CA ASN A 165 19.78 -3.60 -5.12
C ASN A 165 21.16 -3.94 -4.57
N GLU A 166 21.37 -5.22 -4.32
CA GLU A 166 22.64 -5.71 -3.79
C GLU A 166 23.77 -5.37 -4.77
N VAL A 167 23.57 -5.69 -6.03
CA VAL A 167 24.58 -5.43 -7.05
C VAL A 167 24.85 -3.94 -7.24
N LEU A 168 23.78 -3.16 -7.41
CA LEU A 168 23.92 -1.73 -7.65
C LEU A 168 24.42 -0.91 -6.47
N LYS A 169 23.89 -1.18 -5.29
CA LYS A 169 24.30 -0.42 -4.13
C LYS A 169 25.82 -0.54 -3.92
N LYS A 170 26.35 -1.74 -4.10
CA LYS A 170 27.78 -1.99 -3.94
C LYS A 170 28.56 -1.31 -5.05
N LEU A 171 28.10 -1.46 -6.28
CA LEU A 171 28.76 -0.84 -7.41
C LEU A 171 28.89 0.68 -7.26
N PHE A 172 27.79 1.34 -6.88
CA PHE A 172 27.83 2.78 -6.73
C PHE A 172 28.62 3.24 -5.50
N ASP A 173 28.54 2.47 -4.41
CA ASP A 173 29.27 2.83 -3.20
C ASP A 173 30.77 2.84 -3.46
N GLU A 174 31.24 1.92 -4.30
CA GLU A 174 32.65 1.84 -4.63
C GLU A 174 33.06 3.07 -5.46
N LYS A 175 32.07 3.70 -6.09
CA LYS A 175 32.31 4.88 -6.90
C LYS A 175 31.90 6.16 -6.19
N GLY A 176 31.90 6.13 -4.86
CA GLY A 176 31.54 7.29 -4.08
C GLY A 176 30.12 7.79 -4.27
N ILE A 177 29.19 6.88 -4.54
CA ILE A 177 27.80 7.27 -4.73
C ILE A 177 26.87 6.41 -3.88
N ILE A 178 25.92 7.07 -3.23
CA ILE A 178 24.94 6.40 -2.39
C ILE A 178 23.68 6.12 -3.20
N LEU A 179 23.28 4.86 -3.27
CA LEU A 179 22.07 4.49 -3.98
C LEU A 179 20.92 4.65 -2.99
N VAL A 180 20.23 5.78 -3.07
CA VAL A 180 19.12 6.07 -2.16
C VAL A 180 17.94 5.14 -2.39
N ASP A 181 17.52 5.02 -3.65
CA ASP A 181 16.42 4.14 -4.03
C ASP A 181 16.40 4.07 -5.55
N PHE A 182 15.50 3.24 -6.09
CA PHE A 182 15.39 3.10 -7.54
C PHE A 182 14.09 2.40 -7.88
N LYS A 183 13.74 2.48 -9.15
CA LYS A 183 12.52 1.86 -9.64
C LYS A 183 12.82 1.08 -10.92
N ILE A 184 12.36 -0.17 -10.96
CA ILE A 184 12.57 -0.99 -12.14
C ILE A 184 11.26 -1.55 -12.64
N GLU A 185 11.27 -2.00 -13.89
CA GLU A 185 10.11 -2.60 -14.52
C GLU A 185 10.51 -3.99 -14.96
N ILE A 186 9.64 -4.95 -14.71
CA ILE A 186 9.88 -6.33 -15.11
C ILE A 186 8.91 -6.69 -16.23
N GLY A 187 9.38 -7.51 -17.17
CA GLY A 187 8.54 -7.95 -18.27
C GLY A 187 8.83 -9.40 -18.59
N LYS A 188 7.90 -10.05 -19.29
CA LYS A 188 8.07 -11.44 -19.68
C LYS A 188 8.48 -11.52 -21.13
N ASP A 189 9.57 -12.22 -21.43
CA ASP A 189 10.00 -12.35 -22.81
C ASP A 189 9.11 -13.39 -23.49
N ARG A 190 9.38 -13.66 -24.76
CA ARG A 190 8.61 -14.62 -25.55
C ARG A 190 8.52 -16.00 -24.88
N GLU A 191 9.50 -16.33 -24.06
CA GLU A 191 9.54 -17.62 -23.36
C GLU A 191 8.90 -17.58 -21.97
N GLY A 192 8.46 -16.40 -21.56
CA GLY A 192 7.83 -16.28 -20.24
C GLY A 192 8.79 -16.05 -19.10
N ASN A 193 10.06 -15.73 -19.41
CA ASN A 193 11.03 -15.46 -18.35
C ASN A 193 10.81 -14.05 -17.81
N LEU A 194 11.04 -13.87 -16.52
CA LEU A 194 10.88 -12.57 -15.89
C LEU A 194 12.20 -11.81 -16.01
N LEU A 195 12.18 -10.74 -16.80
CA LEU A 195 13.38 -9.93 -17.03
C LEU A 195 13.26 -8.48 -16.58
N VAL A 196 14.36 -7.98 -16.02
CA VAL A 196 14.43 -6.58 -15.62
C VAL A 196 14.52 -5.88 -16.97
N ALA A 197 13.54 -5.04 -17.29
CA ALA A 197 13.53 -4.35 -18.57
C ALA A 197 13.69 -2.84 -18.42
N ASP A 198 13.12 -2.11 -19.38
CA ASP A 198 13.16 -0.65 -19.31
C ASP A 198 14.58 -0.12 -19.21
N GLU A 199 14.77 0.81 -18.28
CA GLU A 199 16.08 1.40 -18.04
C GLU A 199 16.42 1.50 -16.57
N ILE A 200 17.70 1.77 -16.30
CA ILE A 200 18.20 1.96 -14.94
C ILE A 200 19.16 3.12 -15.12
N SER A 201 18.67 4.32 -14.81
CA SER A 201 19.46 5.54 -15.00
C SER A 201 19.16 6.60 -13.96
N PRO A 202 19.84 7.76 -14.04
CA PRO A 202 19.60 8.84 -13.09
C PRO A 202 18.13 9.29 -13.15
N ASP A 203 17.41 8.87 -14.18
CA ASP A 203 15.99 9.21 -14.33
C ASP A 203 15.15 8.30 -13.44
N THR A 204 15.70 7.13 -13.11
CA THR A 204 14.99 6.13 -12.33
C THR A 204 15.64 5.76 -11.00
N MET A 205 16.74 6.43 -10.65
CA MET A 205 17.42 6.16 -9.39
C MET A 205 17.65 7.47 -8.64
N ARG A 206 17.68 7.39 -7.32
CA ARG A 206 18.01 8.55 -6.53
C ARG A 206 19.46 8.24 -6.15
N LEU A 207 20.36 9.13 -6.56
CA LEU A 207 21.80 8.98 -6.32
C LEU A 207 22.39 10.23 -5.68
N TRP A 208 23.01 10.05 -4.53
CA TRP A 208 23.64 11.17 -3.82
C TRP A 208 25.14 10.94 -3.69
N ASP A 209 25.93 12.00 -3.82
CA ASP A 209 27.36 11.88 -3.66
C ASP A 209 27.58 11.45 -2.21
N LYS A 210 28.46 10.48 -1.99
CA LYS A 210 28.72 9.98 -0.64
C LYS A 210 29.20 11.05 0.35
N GLU A 211 30.21 11.82 -0.05
CA GLU A 211 30.76 12.85 0.83
C GLU A 211 29.84 14.03 1.14
N THR A 212 29.35 14.68 0.11
CA THR A 212 28.51 15.87 0.25
C THR A 212 27.00 15.63 0.23
N ARG A 213 26.60 14.49 -0.32
CA ARG A 213 25.20 14.14 -0.47
C ARG A 213 24.50 15.05 -1.48
N ASP A 214 25.30 15.58 -2.41
CA ASP A 214 24.77 16.42 -3.48
C ASP A 214 23.88 15.49 -4.31
N VAL A 215 22.76 16.00 -4.80
CA VAL A 215 21.85 15.20 -5.60
C VAL A 215 22.36 15.05 -7.03
N LEU A 216 22.38 13.82 -7.53
CA LEU A 216 22.86 13.55 -8.88
C LEU A 216 21.81 12.97 -9.81
N ASP A 217 20.58 12.84 -9.34
CA ASP A 217 19.52 12.27 -10.16
C ASP A 217 18.49 13.30 -10.63
N LYS A 218 17.44 12.79 -11.26
CA LYS A 218 16.37 13.64 -11.77
C LYS A 218 15.76 14.61 -10.77
N ASP A 219 15.98 14.37 -9.48
CA ASP A 219 15.43 15.29 -8.48
C ASP A 219 16.01 16.69 -8.71
N VAL A 220 17.19 16.74 -9.33
CA VAL A 220 17.83 18.01 -9.63
C VAL A 220 16.93 18.77 -10.59
N PHE A 221 16.25 18.03 -11.47
CA PHE A 221 15.33 18.64 -12.44
C PHE A 221 13.97 18.91 -11.78
N ARG A 222 13.47 17.94 -11.01
CA ARG A 222 12.19 18.10 -10.33
C ARG A 222 12.18 19.33 -9.43
N LYS A 223 13.24 19.47 -8.65
CA LYS A 223 13.35 20.57 -7.70
C LYS A 223 14.29 21.70 -8.09
N ASP A 224 14.68 21.73 -9.36
CA ASP A 224 15.59 22.75 -9.88
C ASP A 224 16.74 22.96 -8.92
N LEU A 225 17.59 21.96 -8.78
CA LEU A 225 18.73 22.04 -7.88
C LEU A 225 19.99 22.50 -8.57
N GLY A 226 19.97 22.54 -9.90
CA GLY A 226 21.14 22.96 -10.64
C GLY A 226 21.21 22.36 -12.02
N ASP A 227 22.42 22.13 -12.52
CA ASP A 227 22.63 21.55 -13.85
C ASP A 227 22.45 20.03 -13.80
N VAL A 228 21.27 19.56 -14.19
CA VAL A 228 20.97 18.14 -14.17
C VAL A 228 21.88 17.33 -15.08
N ILE A 229 22.09 17.81 -16.29
CA ILE A 229 22.94 17.11 -17.25
C ILE A 229 24.36 16.97 -16.71
N ALA A 230 24.88 18.05 -16.13
CA ALA A 230 26.22 18.03 -15.57
C ALA A 230 26.31 17.00 -14.43
N LYS A 231 25.22 16.83 -13.69
CA LYS A 231 25.21 15.85 -12.60
C LYS A 231 25.11 14.44 -13.17
N TYR A 232 24.27 14.27 -14.18
CA TYR A 232 24.13 12.98 -14.82
C TYR A 232 25.51 12.60 -15.35
N ARG A 233 26.22 13.59 -15.90
CA ARG A 233 27.55 13.32 -16.44
C ARG A 233 28.52 12.85 -15.34
N ILE A 234 28.35 13.37 -14.13
CA ILE A 234 29.21 12.95 -13.03
C ILE A 234 29.01 11.47 -12.77
N VAL A 235 27.76 11.02 -12.84
CA VAL A 235 27.47 9.61 -12.61
C VAL A 235 28.20 8.76 -13.64
N ALA A 236 28.06 9.11 -14.92
CA ALA A 236 28.70 8.36 -16.00
C ALA A 236 30.22 8.36 -15.78
N GLU A 237 30.71 9.53 -15.41
CA GLU A 237 32.12 9.76 -15.13
C GLU A 237 32.59 8.83 -14.02
N ARG A 238 31.84 8.77 -12.91
CA ARG A 238 32.18 7.91 -11.78
C ARG A 238 32.19 6.45 -12.18
N LEU A 239 31.27 6.07 -13.07
CA LEU A 239 31.20 4.69 -13.52
C LEU A 239 32.28 4.36 -14.56
N GLY A 240 33.10 5.35 -14.87
CA GLY A 240 34.18 5.17 -15.84
C GLY A 240 33.72 5.05 -17.28
N LEU A 241 32.56 5.63 -17.58
CA LEU A 241 32.00 5.55 -18.92
C LEU A 241 32.34 6.69 -19.86
N LEU A 242 33.12 7.67 -19.40
CA LEU A 242 33.47 8.81 -20.24
C LEU A 242 34.96 8.96 -20.50
N MET B 1 -25.18 -6.96 40.42
CA MET B 1 -24.26 -5.97 41.04
C MET B 1 -22.85 -6.04 40.44
N GLU B 2 -22.74 -5.68 39.16
CA GLU B 2 -21.45 -5.70 38.49
C GLU B 2 -20.64 -4.50 38.94
N ILE B 3 -19.74 -4.03 38.07
CA ILE B 3 -18.91 -2.87 38.36
C ILE B 3 -19.77 -1.71 38.86
N LYS B 4 -19.12 -0.71 39.46
CA LYS B 4 -19.83 0.45 39.97
C LYS B 4 -20.00 1.46 38.83
N LEU B 5 -20.69 1.00 37.79
CA LEU B 5 -20.96 1.78 36.58
C LEU B 5 -21.20 3.26 36.78
N GLU B 6 -22.30 3.59 37.46
CA GLU B 6 -22.66 4.98 37.69
C GLU B 6 -21.51 5.80 38.29
N GLU B 7 -20.68 5.15 39.10
CA GLU B 7 -19.54 5.83 39.72
C GLU B 7 -18.38 5.97 38.74
N ILE B 8 -18.18 4.96 37.91
CA ILE B 8 -17.09 4.98 36.94
C ILE B 8 -17.29 6.11 35.93
N LEU B 9 -18.54 6.28 35.49
CA LEU B 9 -18.88 7.30 34.51
C LEU B 9 -18.64 8.73 34.99
N LYS B 10 -18.55 8.92 36.30
CA LYS B 10 -18.30 10.25 36.84
C LYS B 10 -16.84 10.64 36.66
N LYS B 11 -15.99 9.64 36.43
CA LYS B 11 -14.57 9.86 36.25
C LYS B 11 -14.21 10.41 34.87
N GLN B 12 -13.14 11.18 34.80
CA GLN B 12 -12.69 11.73 33.53
C GLN B 12 -12.18 10.59 32.67
N PRO B 13 -12.72 10.45 31.46
CA PRO B 13 -12.32 9.38 30.54
C PRO B 13 -10.83 9.33 30.31
N LEU B 14 -10.26 8.13 30.28
CA LEU B 14 -8.84 7.97 30.01
C LEU B 14 -8.62 8.50 28.61
N TYR B 15 -9.63 8.32 27.77
CA TYR B 15 -9.56 8.77 26.38
C TYR B 15 -10.94 8.86 25.77
N SER B 16 -11.16 9.90 24.97
CA SER B 16 -12.43 10.12 24.30
C SER B 16 -12.12 10.30 22.82
N GLY B 17 -12.70 9.44 22.00
CA GLY B 17 -12.48 9.54 20.56
C GLY B 17 -13.71 10.14 19.91
N LYS B 18 -13.83 9.97 18.60
CA LYS B 18 -14.97 10.50 17.86
C LYS B 18 -16.28 9.78 18.10
N ALA B 19 -16.23 8.58 18.68
CA ALA B 19 -17.45 7.82 18.90
C ALA B 19 -17.58 7.14 20.26
N LYS B 20 -16.46 6.85 20.90
CA LYS B 20 -16.49 6.17 22.19
C LYS B 20 -15.56 6.78 23.24
N SER B 21 -15.89 6.56 24.51
CA SER B 21 -15.11 7.06 25.62
C SER B 21 -14.59 5.89 26.44
N ILE B 22 -13.29 5.94 26.75
CA ILE B 22 -12.64 4.88 27.51
C ILE B 22 -12.45 5.33 28.97
N TYR B 23 -13.05 4.59 29.90
CA TYR B 23 -12.94 4.90 31.32
C TYR B 23 -12.16 3.79 32.01
N GLU B 24 -11.37 4.14 33.01
CA GLU B 24 -10.60 3.14 33.74
C GLU B 24 -11.43 2.45 34.81
N ILE B 25 -11.25 1.13 34.91
CA ILE B 25 -11.96 0.35 35.93
C ILE B 25 -10.88 -0.08 36.92
N ASP B 26 -9.79 -0.64 36.38
CA ASP B 26 -8.65 -1.06 37.19
C ASP B 26 -7.44 -1.18 36.29
N ASP B 27 -6.38 -1.81 36.79
CA ASP B 27 -5.13 -1.96 36.03
C ASP B 27 -5.24 -2.67 34.68
N ASP B 28 -6.10 -3.68 34.60
CA ASP B 28 -6.24 -4.43 33.35
C ASP B 28 -7.63 -4.46 32.74
N LYS B 29 -8.50 -3.52 33.13
CA LYS B 29 -9.85 -3.51 32.56
C LYS B 29 -10.38 -2.10 32.36
N VAL B 30 -11.18 -1.94 31.32
CA VAL B 30 -11.75 -0.63 31.01
C VAL B 30 -13.24 -0.69 30.69
N LEU B 31 -13.91 0.43 30.89
CA LEU B 31 -15.32 0.56 30.59
C LEU B 31 -15.34 1.33 29.28
N ILE B 32 -15.98 0.76 28.26
CA ILE B 32 -16.05 1.43 26.99
C ILE B 32 -17.46 1.95 26.76
N GLU B 33 -17.59 3.26 26.62
CA GLU B 33 -18.88 3.89 26.41
C GLU B 33 -19.12 4.22 24.95
N PHE B 34 -20.10 3.56 24.35
CA PHE B 34 -20.47 3.82 22.97
C PHE B 34 -21.37 5.05 22.98
N ARG B 35 -20.87 6.18 22.49
CA ARG B 35 -21.70 7.39 22.48
C ARG B 35 -22.63 7.39 21.28
N ASP B 36 -23.50 8.39 21.19
CA ASP B 36 -24.44 8.50 20.08
C ASP B 36 -23.87 9.31 18.92
N ASP B 37 -22.64 9.78 19.08
CA ASP B 37 -21.96 10.54 18.03
C ASP B 37 -21.71 9.61 16.84
N ILE B 38 -21.88 10.15 15.63
CA ILE B 38 -21.63 9.38 14.42
C ILE B 38 -20.88 10.32 13.49
N THR B 39 -19.80 9.82 12.88
CA THR B 39 -18.98 10.66 12.01
C THR B 39 -18.62 10.01 10.68
N ALA B 40 -18.15 10.82 9.74
CA ALA B 40 -17.75 10.35 8.43
C ALA B 40 -16.76 11.33 7.79
N GLY B 41 -16.01 10.84 6.79
CA GLY B 41 -15.05 11.68 6.12
C GLY B 41 -14.00 12.22 7.07
N ASN B 42 -13.67 11.42 8.08
CA ASN B 42 -12.66 11.79 9.07
C ASN B 42 -13.08 13.02 9.85
N GLY B 43 -14.19 12.91 10.58
CA GLY B 43 -14.67 14.00 11.41
C GLY B 43 -15.34 15.14 10.68
N ALA B 44 -15.12 15.25 9.37
CA ALA B 44 -15.70 16.29 8.55
C ALA B 44 -17.22 16.33 8.63
N LYS B 45 -17.85 15.16 8.78
CA LYS B 45 -19.30 15.08 8.87
C LYS B 45 -19.66 14.46 10.22
N HIS B 46 -20.50 15.15 10.97
CA HIS B 46 -20.89 14.65 12.30
C HIS B 46 -22.33 14.94 12.69
N ASP B 47 -22.86 14.09 13.56
CA ASP B 47 -24.23 14.24 14.06
C ASP B 47 -24.34 13.41 15.33
N VAL B 48 -25.47 13.55 16.01
CA VAL B 48 -25.75 12.79 17.23
C VAL B 48 -27.11 12.15 16.99
N LYS B 49 -27.14 10.82 16.95
CA LYS B 49 -28.37 10.10 16.69
C LYS B 49 -28.72 9.14 17.83
N GLN B 50 -29.84 9.42 18.48
CA GLN B 50 -30.28 8.61 19.60
C GLN B 50 -30.39 7.15 19.22
N GLY B 51 -29.88 6.28 20.07
CA GLY B 51 -29.94 4.86 19.80
C GLY B 51 -28.72 4.27 19.13
N LYS B 52 -27.86 5.10 18.54
CA LYS B 52 -26.68 4.58 17.86
C LYS B 52 -25.73 3.84 18.80
N GLY B 53 -25.39 4.46 19.92
CA GLY B 53 -24.50 3.83 20.88
C GLY B 53 -25.07 2.52 21.38
N TYR B 54 -26.37 2.55 21.69
CA TYR B 54 -27.06 1.38 22.16
C TYR B 54 -26.97 0.25 21.13
N LEU B 55 -27.34 0.55 19.89
CA LEU B 55 -27.30 -0.46 18.84
C LEU B 55 -25.91 -1.01 18.54
N ASN B 56 -24.90 -0.15 18.48
CA ASN B 56 -23.54 -0.61 18.17
C ASN B 56 -22.92 -1.43 19.30
N ALA B 57 -23.14 -1.03 20.55
CA ALA B 57 -22.61 -1.76 21.70
C ALA B 57 -23.27 -3.14 21.73
N LEU B 58 -24.57 -3.17 21.49
CA LEU B 58 -25.34 -4.40 21.50
C LEU B 58 -24.85 -5.36 20.43
N ILE B 59 -24.64 -4.85 19.22
CA ILE B 59 -24.17 -5.67 18.12
C ILE B 59 -22.72 -6.11 18.35
N SER B 60 -21.88 -5.18 18.78
CA SER B 60 -20.46 -5.49 19.01
C SER B 60 -20.27 -6.58 20.07
N SER B 61 -21.09 -6.54 21.11
CA SER B 61 -21.00 -7.53 22.18
C SER B 61 -21.34 -8.91 21.64
N LYS B 62 -22.37 -8.97 20.81
CA LYS B 62 -22.79 -10.23 20.22
C LYS B 62 -21.72 -10.79 19.28
N LEU B 63 -21.13 -9.94 18.45
CA LEU B 63 -20.11 -10.40 17.53
C LEU B 63 -18.87 -10.88 18.27
N PHE B 64 -18.49 -10.17 19.32
CA PHE B 64 -17.33 -10.57 20.11
C PHE B 64 -17.60 -11.93 20.76
N GLU B 65 -18.82 -12.12 21.26
CA GLU B 65 -19.20 -13.38 21.89
C GLU B 65 -19.14 -14.50 20.85
N ALA B 66 -19.48 -14.17 19.60
CA ALA B 66 -19.43 -15.17 18.54
C ALA B 66 -17.97 -15.51 18.22
N LEU B 67 -17.12 -14.50 18.18
CA LEU B 67 -15.70 -14.73 17.89
C LEU B 67 -15.08 -15.58 19.00
N GLU B 68 -15.35 -15.21 20.25
CA GLU B 68 -14.81 -15.96 21.38
C GLU B 68 -15.23 -17.42 21.30
N GLU B 69 -16.48 -17.67 20.92
CA GLU B 69 -16.98 -19.03 20.79
C GLU B 69 -16.26 -19.81 19.70
N ASN B 70 -15.59 -19.10 18.79
CA ASN B 70 -14.87 -19.74 17.71
C ASN B 70 -13.36 -19.74 17.94
N GLY B 71 -12.95 -19.37 19.15
CA GLY B 71 -11.54 -19.38 19.49
C GLY B 71 -10.77 -18.09 19.25
N VAL B 72 -11.43 -17.08 18.68
CA VAL B 72 -10.75 -15.82 18.44
C VAL B 72 -10.70 -15.07 19.76
N LYS B 73 -9.50 -14.72 20.20
CA LYS B 73 -9.33 -13.99 21.46
C LYS B 73 -9.59 -12.50 21.28
N THR B 74 -10.50 -11.96 22.10
CA THR B 74 -10.88 -10.55 22.04
C THR B 74 -10.76 -9.90 23.42
N HIS B 75 -10.94 -8.58 23.45
CA HIS B 75 -10.86 -7.82 24.70
C HIS B 75 -12.19 -7.79 25.44
N TYR B 76 -13.22 -8.39 24.84
CA TYR B 76 -14.56 -8.41 25.42
C TYR B 76 -14.73 -9.22 26.71
N ILE B 77 -15.34 -8.59 27.70
CA ILE B 77 -15.60 -9.23 28.98
C ILE B 77 -17.11 -9.36 29.21
N LYS B 78 -17.84 -8.24 29.13
CA LYS B 78 -19.28 -8.28 29.29
C LYS B 78 -19.97 -7.01 28.80
N TYR B 79 -21.24 -7.15 28.46
CA TYR B 79 -22.05 -6.03 27.98
C TYR B 79 -22.97 -5.50 29.09
N ILE B 80 -23.00 -4.19 29.23
CA ILE B 80 -23.85 -3.54 30.22
C ILE B 80 -24.79 -2.60 29.48
N GLU B 81 -26.06 -2.96 29.38
CA GLU B 81 -27.03 -2.13 28.68
C GLU B 81 -27.14 -0.74 29.28
N PRO B 82 -27.42 0.27 28.44
CA PRO B 82 -27.66 0.07 27.01
C PRO B 82 -26.45 0.22 26.08
N ARG B 83 -25.46 1.02 26.47
CA ARG B 83 -24.33 1.26 25.57
C ARG B 83 -22.91 1.11 26.15
N TYR B 84 -22.75 0.24 27.13
CA TYR B 84 -21.45 0.07 27.75
C TYR B 84 -20.88 -1.32 27.54
N MET B 85 -19.55 -1.40 27.58
CA MET B 85 -18.87 -2.67 27.41
C MET B 85 -17.65 -2.73 28.33
N ILE B 86 -17.54 -3.81 29.10
CA ILE B 86 -16.39 -3.98 29.98
C ILE B 86 -15.40 -4.74 29.12
N ALA B 87 -14.16 -4.27 29.06
CA ALA B 87 -13.17 -4.94 28.24
C ALA B 87 -11.80 -4.97 28.88
N LYS B 88 -10.98 -5.93 28.45
CA LYS B 88 -9.63 -6.06 28.94
C LYS B 88 -8.90 -4.84 28.37
N LYS B 89 -8.08 -4.20 29.20
CA LYS B 89 -7.33 -3.04 28.74
C LYS B 89 -6.21 -3.54 27.82
N VAL B 90 -6.02 -2.87 26.69
CA VAL B 90 -4.95 -3.25 25.77
C VAL B 90 -4.26 -2.03 25.22
N GLU B 91 -3.07 -2.25 24.67
CA GLU B 91 -2.31 -1.19 24.05
C GLU B 91 -2.60 -1.38 22.57
N ILE B 92 -3.31 -0.42 21.99
CA ILE B 92 -3.69 -0.47 20.58
C ILE B 92 -2.53 -0.31 19.60
N ILE B 93 -2.45 -1.21 18.63
CA ILE B 93 -1.43 -1.15 17.59
C ILE B 93 -2.00 -0.17 16.57
N PRO B 94 -1.26 0.91 16.23
CA PRO B 94 -1.70 1.93 15.28
C PRO B 94 -1.89 1.45 13.83
N ILE B 95 -2.66 0.38 13.66
CA ILE B 95 -2.93 -0.17 12.34
C ILE B 95 -4.40 -0.52 12.20
N GLU B 96 -4.99 -0.08 11.10
CA GLU B 96 -6.40 -0.36 10.84
C GLU B 96 -6.40 -1.60 9.94
N VAL B 97 -6.96 -2.70 10.44
CA VAL B 97 -6.97 -3.94 9.67
C VAL B 97 -8.27 -4.10 8.88
N ILE B 98 -8.18 -4.00 7.56
CA ILE B 98 -9.35 -4.10 6.71
C ILE B 98 -9.39 -5.39 5.91
N VAL B 99 -10.54 -6.06 5.93
CA VAL B 99 -10.72 -7.30 5.18
C VAL B 99 -11.88 -7.03 4.22
N ARG B 100 -11.71 -7.41 2.97
CA ARG B 100 -12.74 -7.16 1.96
C ARG B 100 -13.13 -8.42 1.22
N ASN B 101 -14.44 -8.69 1.18
CA ASN B 101 -14.98 -9.84 0.48
C ASN B 101 -15.56 -9.37 -0.85
N ILE B 102 -16.09 -8.14 -0.85
CA ILE B 102 -16.66 -7.53 -2.05
C ILE B 102 -16.01 -6.17 -2.22
N ALA B 103 -15.71 -5.79 -3.46
CA ALA B 103 -15.08 -4.50 -3.73
C ALA B 103 -16.01 -3.33 -3.38
N ALA B 104 -15.48 -2.37 -2.63
CA ALA B 104 -16.25 -1.20 -2.22
C ALA B 104 -15.35 -0.17 -1.55
N GLY B 105 -15.92 0.98 -1.21
CA GLY B 105 -15.17 2.02 -0.55
C GLY B 105 -13.96 2.49 -1.33
N SER B 106 -12.84 2.67 -0.63
CA SER B 106 -11.60 3.13 -1.24
C SER B 106 -11.03 2.14 -2.27
N LEU B 107 -11.31 0.86 -2.13
CA LEU B 107 -10.78 -0.13 -3.07
C LEU B 107 -11.18 0.20 -4.50
N CYS B 108 -12.46 0.49 -4.70
CA CYS B 108 -12.98 0.83 -6.03
C CYS B 108 -12.52 2.21 -6.47
N ARG B 109 -12.36 3.13 -5.51
CA ARG B 109 -11.89 4.48 -5.84
C ARG B 109 -10.42 4.50 -6.27
N ARG B 110 -9.60 3.70 -5.58
CA ARG B 110 -8.18 3.67 -5.85
C ARG B 110 -7.69 2.70 -6.93
N TYR B 111 -8.46 1.66 -7.20
CA TYR B 111 -8.06 0.67 -8.20
C TYR B 111 -9.22 0.34 -9.12
N PRO B 112 -8.93 -0.21 -10.30
CA PRO B 112 -10.00 -0.57 -11.24
C PRO B 112 -10.80 -1.82 -10.86
N PHE B 113 -11.47 -1.77 -9.71
CA PHE B 113 -12.33 -2.87 -9.24
C PHE B 113 -13.77 -2.41 -9.43
N GLU B 114 -14.63 -3.31 -9.86
CA GLU B 114 -16.04 -2.98 -10.05
C GLU B 114 -16.73 -3.03 -8.70
N GLU B 115 -17.43 -1.96 -8.33
CA GLU B 115 -18.11 -1.93 -7.05
C GLU B 115 -19.18 -3.02 -6.98
N GLY B 116 -19.25 -3.71 -5.84
CA GLY B 116 -20.22 -4.76 -5.66
C GLY B 116 -19.77 -6.10 -6.18
N LYS B 117 -18.64 -6.12 -6.90
CA LYS B 117 -18.10 -7.35 -7.47
C LYS B 117 -17.40 -8.20 -6.41
N GLU B 118 -17.72 -9.48 -6.38
CA GLU B 118 -17.14 -10.42 -5.43
C GLU B 118 -15.66 -10.60 -5.73
N LEU B 119 -14.83 -10.42 -4.71
CA LEU B 119 -13.38 -10.58 -4.85
C LEU B 119 -13.03 -12.05 -4.91
N PRO B 120 -11.96 -12.41 -5.65
CA PRO B 120 -11.54 -13.81 -5.77
C PRO B 120 -11.20 -14.46 -4.43
N PHE B 121 -10.84 -13.65 -3.46
CA PHE B 121 -10.49 -14.11 -2.12
C PHE B 121 -10.55 -12.90 -1.20
N PRO B 122 -10.62 -13.12 0.12
CA PRO B 122 -10.68 -11.98 1.03
C PRO B 122 -9.40 -11.14 0.99
N ILE B 123 -9.49 -9.89 0.52
CA ILE B 123 -8.33 -9.03 0.47
C ILE B 123 -8.11 -8.45 1.87
N VAL B 124 -6.85 -8.47 2.31
CA VAL B 124 -6.50 -7.92 3.62
C VAL B 124 -5.67 -6.66 3.41
N GLN B 125 -6.12 -5.55 3.99
CA GLN B 125 -5.43 -4.28 3.84
C GLN B 125 -5.08 -3.64 5.18
N PHE B 126 -3.81 -3.26 5.34
CA PHE B 126 -3.34 -2.61 6.56
C PHE B 126 -3.14 -1.10 6.33
N ASP B 127 -3.82 -0.29 7.12
CA ASP B 127 -3.70 1.17 7.02
C ASP B 127 -3.04 1.70 8.28
N TYR B 128 -2.13 2.65 8.12
CA TYR B 128 -1.44 3.25 9.26
C TYR B 128 -2.42 4.22 9.93
N LYS B 129 -2.69 4.01 11.22
CA LYS B 129 -3.60 4.89 11.95
C LYS B 129 -2.81 6.11 12.39
N ASN B 130 -2.95 7.21 11.65
CA ASN B 130 -2.23 8.43 11.94
C ASN B 130 -2.87 9.58 11.19
N ASP B 131 -3.53 10.46 11.93
CA ASP B 131 -4.23 11.62 11.35
C ASP B 131 -3.33 12.55 10.56
N GLU B 132 -2.17 12.89 11.12
CA GLU B 132 -1.24 13.80 10.46
C GLU B 132 -0.87 13.36 9.05
N TYR B 133 -0.90 12.05 8.79
CA TYR B 133 -0.55 11.53 7.48
C TYR B 133 -1.72 11.01 6.66
N GLY B 134 -2.94 11.22 7.15
CA GLY B 134 -4.12 10.77 6.43
C GLY B 134 -4.35 9.28 6.38
N ASP B 135 -3.84 8.55 7.37
CA ASP B 135 -4.01 7.10 7.42
C ASP B 135 -3.61 6.39 6.12
N PRO B 136 -2.36 6.59 5.67
CA PRO B 136 -1.92 5.95 4.42
C PRO B 136 -1.92 4.41 4.48
N MET B 137 -2.15 3.78 3.34
CA MET B 137 -2.13 2.33 3.30
C MET B 137 -0.68 1.92 3.49
N LEU B 138 -0.49 0.74 4.06
CA LEU B 138 0.85 0.21 4.33
C LEU B 138 1.08 -1.09 3.61
N ASN B 139 2.34 -1.53 3.59
CA ASN B 139 2.67 -2.83 3.07
C ASN B 139 3.48 -3.38 4.25
N GLU B 140 3.75 -4.68 4.25
CA GLU B 140 4.47 -5.25 5.38
C GLU B 140 5.80 -4.56 5.68
N ASP B 141 6.60 -4.31 4.66
CA ASP B 141 7.89 -3.67 4.83
C ASP B 141 7.83 -2.31 5.51
N ILE B 142 6.86 -1.49 5.13
CA ILE B 142 6.70 -0.14 5.70
C ILE B 142 6.34 -0.25 7.18
N ALA B 143 5.33 -1.06 7.49
CA ALA B 143 4.89 -1.23 8.87
C ALA B 143 6.06 -1.63 9.78
N VAL B 144 6.86 -2.62 9.36
CA VAL B 144 8.00 -3.06 10.17
C VAL B 144 9.05 -1.96 10.29
N ALA B 145 9.41 -1.32 9.18
CA ALA B 145 10.41 -0.26 9.19
C ALA B 145 9.96 0.91 10.07
N LEU B 146 8.64 1.14 10.14
CA LEU B 146 8.10 2.20 10.97
C LEU B 146 8.10 1.78 12.44
N GLY B 147 8.27 0.48 12.68
CA GLY B 147 8.29 -0.04 14.03
C GLY B 147 6.90 -0.23 14.63
N LEU B 148 5.89 -0.36 13.79
CA LEU B 148 4.53 -0.53 14.27
C LEU B 148 4.29 -1.92 14.89
N ALA B 149 5.00 -2.92 14.37
CA ALA B 149 4.88 -4.28 14.85
C ALA B 149 5.90 -5.13 14.13
N THR B 150 6.18 -6.32 14.64
CA THR B 150 7.16 -7.22 14.01
C THR B 150 6.50 -7.93 12.84
N ARG B 151 7.30 -8.46 11.92
CA ARG B 151 6.75 -9.17 10.80
C ARG B 151 5.86 -10.31 11.27
N GLU B 152 6.32 -11.02 12.29
CA GLU B 152 5.56 -12.14 12.83
C GLU B 152 4.20 -11.69 13.35
N GLU B 153 4.17 -10.54 14.03
CA GLU B 153 2.91 -10.02 14.56
C GLU B 153 1.98 -9.64 13.42
N LEU B 154 2.53 -8.94 12.44
CA LEU B 154 1.76 -8.51 11.28
C LEU B 154 1.09 -9.70 10.61
N ASN B 155 1.84 -10.78 10.42
CA ASN B 155 1.27 -11.95 9.78
C ASN B 155 0.27 -12.64 10.71
N LYS B 156 0.54 -12.61 12.01
CA LYS B 156 -0.38 -13.21 12.97
C LYS B 156 -1.67 -12.38 12.95
N ILE B 157 -1.52 -11.06 12.84
CA ILE B 157 -2.68 -10.16 12.78
C ILE B 157 -3.50 -10.46 11.52
N LYS B 158 -2.83 -10.79 10.42
CA LYS B 158 -3.56 -11.11 9.20
C LYS B 158 -4.33 -12.42 9.38
N GLU B 159 -3.71 -13.41 10.00
CA GLU B 159 -4.36 -14.70 10.25
C GLU B 159 -5.61 -14.47 11.08
N ILE B 160 -5.50 -13.60 12.09
CA ILE B 160 -6.64 -13.30 12.95
C ILE B 160 -7.77 -12.65 12.13
N ALA B 161 -7.42 -11.64 11.34
CA ALA B 161 -8.39 -10.93 10.51
C ALA B 161 -9.18 -11.89 9.64
N LEU B 162 -8.49 -12.86 9.04
CA LEU B 162 -9.15 -13.83 8.18
C LEU B 162 -10.04 -14.81 8.95
N LYS B 163 -9.69 -15.12 10.19
CA LYS B 163 -10.52 -16.03 10.99
C LYS B 163 -11.77 -15.27 11.39
N VAL B 164 -11.58 -14.01 11.76
CA VAL B 164 -12.69 -13.16 12.13
C VAL B 164 -13.66 -13.10 10.95
N ASN B 165 -13.10 -12.89 9.76
CA ASN B 165 -13.91 -12.80 8.55
C ASN B 165 -14.70 -14.07 8.32
N GLU B 166 -14.02 -15.20 8.48
CA GLU B 166 -14.64 -16.50 8.30
C GLU B 166 -15.84 -16.64 9.23
N VAL B 167 -15.66 -16.27 10.50
CA VAL B 167 -16.74 -16.37 11.47
C VAL B 167 -17.89 -15.40 11.18
N LEU B 168 -17.56 -14.13 10.99
CA LEU B 168 -18.58 -13.12 10.74
C LEU B 168 -19.34 -13.26 9.43
N LYS B 169 -18.62 -13.52 8.35
CA LYS B 169 -19.25 -13.66 7.04
C LYS B 169 -20.33 -14.74 7.07
N LYS B 170 -20.01 -15.88 7.70
CA LYS B 170 -20.93 -17.00 7.79
C LYS B 170 -22.13 -16.62 8.66
N LEU B 171 -21.85 -15.98 9.79
CA LEU B 171 -22.90 -15.56 10.71
C LEU B 171 -23.91 -14.63 10.04
N PHE B 172 -23.42 -13.60 9.37
CA PHE B 172 -24.31 -12.66 8.70
C PHE B 172 -25.05 -13.26 7.51
N ASP B 173 -24.39 -14.14 6.77
CA ASP B 173 -25.01 -14.77 5.62
C ASP B 173 -26.23 -15.58 6.05
N GLU B 174 -26.13 -16.20 7.22
CA GLU B 174 -27.25 -16.99 7.74
C GLU B 174 -28.39 -16.06 8.14
N LYS B 175 -28.07 -14.78 8.33
CA LYS B 175 -29.06 -13.79 8.72
C LYS B 175 -29.44 -12.88 7.54
N GLY B 176 -29.28 -13.40 6.32
CA GLY B 176 -29.61 -12.63 5.14
C GLY B 176 -28.84 -11.32 5.00
N ILE B 177 -27.56 -11.35 5.36
CA ILE B 177 -26.73 -10.16 5.26
C ILE B 177 -25.36 -10.50 4.67
N ILE B 178 -24.93 -9.67 3.74
CA ILE B 178 -23.66 -9.83 3.06
C ILE B 178 -22.60 -8.97 3.75
N LEU B 179 -21.57 -9.61 4.29
CA LEU B 179 -20.49 -8.88 4.93
C LEU B 179 -19.57 -8.44 3.79
N VAL B 180 -19.70 -7.19 3.38
CA VAL B 180 -18.90 -6.64 2.29
C VAL B 180 -17.45 -6.51 2.67
N ASP B 181 -17.21 -5.89 3.82
CA ASP B 181 -15.86 -5.70 4.36
C ASP B 181 -16.00 -5.19 5.80
N PHE B 182 -14.87 -5.08 6.48
CA PHE B 182 -14.86 -4.59 7.85
C PHE B 182 -13.46 -4.17 8.24
N LYS B 183 -13.37 -3.48 9.36
CA LYS B 183 -12.10 -3.00 9.86
C LYS B 183 -12.02 -3.28 11.36
N ILE B 184 -10.93 -3.90 11.78
CA ILE B 184 -10.73 -4.18 13.18
C ILE B 184 -9.42 -3.57 13.67
N GLU B 185 -9.32 -3.46 14.99
CA GLU B 185 -8.10 -2.95 15.61
C GLU B 185 -7.61 -4.04 16.53
N ILE B 186 -6.29 -4.20 16.57
CA ILE B 186 -5.68 -5.21 17.43
C ILE B 186 -4.90 -4.50 18.54
N GLY B 187 -4.88 -5.11 19.72
CA GLY B 187 -4.14 -4.53 20.82
C GLY B 187 -3.46 -5.61 21.65
N LYS B 188 -2.48 -5.20 22.44
CA LYS B 188 -1.74 -6.14 23.29
C LYS B 188 -2.20 -5.97 24.72
N ASP B 189 -2.60 -7.07 25.36
CA ASP B 189 -3.05 -7.00 26.74
C ASP B 189 -1.82 -6.96 27.65
N ARG B 190 -2.06 -6.92 28.96
CA ARG B 190 -1.00 -6.87 29.95
C ARG B 190 0.03 -8.00 29.77
N GLU B 191 -0.39 -9.12 29.23
CA GLU B 191 0.48 -10.27 29.02
C GLU B 191 1.10 -10.35 27.62
N GLY B 192 0.79 -9.37 26.77
CA GLY B 192 1.34 -9.38 25.44
C GLY B 192 0.54 -10.16 24.41
N ASN B 193 -0.67 -10.58 24.77
CA ASN B 193 -1.51 -11.33 23.83
C ASN B 193 -2.13 -10.36 22.82
N LEU B 194 -2.22 -10.80 21.56
CA LEU B 194 -2.81 -10.00 20.50
C LEU B 194 -4.31 -10.25 20.51
N LEU B 195 -5.07 -9.21 20.85
CA LEU B 195 -6.52 -9.32 20.93
C LEU B 195 -7.28 -8.37 20.01
N VAL B 196 -8.39 -8.88 19.44
CA VAL B 196 -9.23 -8.04 18.61
C VAL B 196 -9.87 -7.14 19.66
N ALA B 197 -9.70 -5.83 19.49
CA ALA B 197 -10.24 -4.87 20.44
C ALA B 197 -11.26 -3.95 19.80
N ASP B 198 -11.35 -2.73 20.34
CA ASP B 198 -12.27 -1.71 19.86
C ASP B 198 -13.70 -2.22 19.71
N GLU B 199 -14.25 -2.11 18.50
CA GLU B 199 -15.62 -2.55 18.26
C GLU B 199 -15.80 -3.18 16.88
N ILE B 200 -16.92 -3.89 16.73
CA ILE B 200 -17.29 -4.52 15.48
C ILE B 200 -18.77 -4.21 15.37
N SER B 201 -19.09 -3.16 14.61
CA SER B 201 -20.46 -2.71 14.47
C SER B 201 -20.73 -2.14 13.09
N PRO B 202 -21.97 -1.72 12.82
CA PRO B 202 -22.33 -1.14 11.53
C PRO B 202 -21.46 0.09 11.23
N ASP B 203 -20.82 0.62 12.27
CA ASP B 203 -19.92 1.77 12.10
C ASP B 203 -18.60 1.29 11.48
N THR B 204 -18.26 0.03 11.71
CA THR B 204 -17.00 -0.52 11.24
C THR B 204 -17.11 -1.63 10.19
N MET B 205 -18.32 -1.93 9.76
CA MET B 205 -18.52 -2.96 8.75
C MET B 205 -19.46 -2.49 7.65
N ARG B 206 -19.23 -2.95 6.43
CA ARG B 206 -20.13 -2.64 5.34
C ARG B 206 -21.02 -3.88 5.29
N LEU B 207 -22.32 -3.65 5.48
CA LEU B 207 -23.31 -4.73 5.51
C LEU B 207 -24.44 -4.43 4.54
N TRP B 208 -24.69 -5.35 3.60
CA TRP B 208 -25.77 -5.18 2.62
C TRP B 208 -26.80 -6.30 2.76
N ASP B 209 -28.08 -5.96 2.61
CA ASP B 209 -29.12 -6.99 2.70
C ASP B 209 -28.85 -7.95 1.55
N LYS B 210 -28.91 -9.24 1.83
CA LYS B 210 -28.63 -10.24 0.81
C LYS B 210 -29.52 -10.16 -0.44
N GLU B 211 -30.82 -10.03 -0.25
CA GLU B 211 -31.74 -9.97 -1.37
C GLU B 211 -31.76 -8.68 -2.17
N THR B 212 -31.84 -7.55 -1.48
CA THR B 212 -31.93 -6.25 -2.15
C THR B 212 -30.64 -5.46 -2.25
N ARG B 213 -29.66 -5.85 -1.44
CA ARG B 213 -28.37 -5.17 -1.37
C ARG B 213 -28.52 -3.75 -0.83
N ASP B 214 -29.60 -3.53 -0.07
CA ASP B 214 -29.83 -2.23 0.58
C ASP B 214 -28.67 -2.08 1.56
N VAL B 215 -28.17 -0.86 1.73
CA VAL B 215 -27.07 -0.62 2.65
C VAL B 215 -27.57 -0.54 4.09
N LEU B 216 -26.88 -1.26 4.98
CA LEU B 216 -27.28 -1.30 6.39
C LEU B 216 -26.25 -0.72 7.33
N ASP B 217 -25.13 -0.26 6.79
CA ASP B 217 -24.06 0.27 7.62
C ASP B 217 -23.92 1.79 7.58
N LYS B 218 -22.84 2.30 8.20
CA LYS B 218 -22.61 3.73 8.26
C LYS B 218 -22.57 4.45 6.91
N ASP B 219 -22.46 3.70 5.81
CA ASP B 219 -22.46 4.34 4.50
C ASP B 219 -23.80 5.05 4.30
N VAL B 220 -24.83 4.59 5.02
CA VAL B 220 -26.15 5.19 4.94
C VAL B 220 -26.04 6.64 5.41
N PHE B 221 -25.18 6.85 6.41
CA PHE B 221 -24.96 8.19 6.97
C PHE B 221 -23.99 8.98 6.10
N ARG B 222 -22.91 8.33 5.68
CA ARG B 222 -21.90 8.97 4.84
C ARG B 222 -22.52 9.55 3.58
N LYS B 223 -23.33 8.74 2.89
CA LYS B 223 -23.95 9.16 1.65
C LYS B 223 -25.43 9.53 1.73
N ASP B 224 -25.93 9.74 2.94
CA ASP B 224 -27.32 10.10 3.16
C ASP B 224 -28.26 9.21 2.35
N LEU B 225 -28.23 7.92 2.64
CA LEU B 225 -29.08 6.98 1.91
C LEU B 225 -30.44 6.81 2.56
N GLY B 226 -30.58 7.30 3.79
CA GLY B 226 -31.84 7.18 4.49
C GLY B 226 -31.70 7.21 6.00
N ASP B 227 -32.56 6.45 6.68
CA ASP B 227 -32.55 6.38 8.15
C ASP B 227 -31.48 5.39 8.61
N VAL B 228 -30.31 5.92 8.99
CA VAL B 228 -29.20 5.09 9.43
C VAL B 228 -29.51 4.27 10.68
N ILE B 229 -30.17 4.89 11.64
CA ILE B 229 -30.50 4.19 12.88
C ILE B 229 -31.46 3.03 12.63
N ALA B 230 -32.44 3.24 11.76
CA ALA B 230 -33.41 2.21 11.43
C ALA B 230 -32.71 1.03 10.79
N LYS B 231 -31.69 1.31 9.98
CA LYS B 231 -30.94 0.24 9.32
C LYS B 231 -30.08 -0.50 10.34
N TYR B 232 -29.43 0.25 11.23
CA TYR B 232 -28.61 -0.35 12.27
C TYR B 232 -29.51 -1.29 13.07
N ARG B 233 -30.74 -0.84 13.34
CA ARG B 233 -31.69 -1.65 14.10
C ARG B 233 -32.02 -2.95 13.36
N ILE B 234 -32.08 -2.89 12.04
CA ILE B 234 -32.35 -4.08 11.25
C ILE B 234 -31.24 -5.09 11.49
N VAL B 235 -29.99 -4.62 11.57
CA VAL B 235 -28.87 -5.51 11.81
C VAL B 235 -29.08 -6.20 13.15
N ALA B 236 -29.46 -5.42 14.16
CA ALA B 236 -29.71 -5.95 15.50
C ALA B 236 -30.82 -6.99 15.47
N GLU B 237 -31.88 -6.66 14.74
CA GLU B 237 -33.03 -7.55 14.59
C GLU B 237 -32.61 -8.88 13.97
N ARG B 238 -31.91 -8.82 12.85
CA ARG B 238 -31.47 -10.04 12.16
C ARG B 238 -30.62 -10.91 13.07
N LEU B 239 -29.80 -10.29 13.90
CA LEU B 239 -28.94 -11.03 14.81
C LEU B 239 -29.73 -11.53 16.02
N GLY B 240 -31.03 -11.22 16.05
CA GLY B 240 -31.90 -11.64 17.14
C GLY B 240 -31.65 -10.96 18.47
N LEU B 241 -31.09 -9.75 18.43
CA LEU B 241 -30.77 -9.02 19.66
C LEU B 241 -31.86 -8.07 20.15
N LEU B 242 -32.98 -8.03 19.46
CA LEU B 242 -34.07 -7.13 19.85
C LEU B 242 -35.34 -7.85 20.32
#